data_5SMI
#
_entry.id   5SMI
#
_cell.length_a   67.682
_cell.length_b   68.341
_cell.length_c   138.651
_cell.angle_alpha   90.000
_cell.angle_beta   90.000
_cell.angle_gamma   90.000
#
_symmetry.space_group_name_H-M   'P 21 21 21'
#
loop_
_entity.id
_entity.type
_entity.pdbx_description
1 polymer 'Proofreading exoribonuclease nsp14'
2 non-polymer 'ZINC ION'
3 non-polymer 'PHOSPHATE ION'
4 non-polymer (2S)-N-(5-methylpyridin-2-yl)oxolane-2-carboxamide
5 water water
#
_entity_poly.entity_id   1
_entity_poly.type   'polypeptide(L)'
_entity_poly.pdbx_seq_one_letter_code
;SMLFKDCSKVITGLHPTQAPTHLSVDTKFKTEGLCVDIPGIPKDMTYRRLISMMGFKMNYQVNGYPNMFITREEAIRHVR
AWIGFDVEGCHATREAVGTNLPLQLGFSTGVNLVAVPTGYVDTPNNTDFSRVSAKPPPGDQFKHLIPLMYKGLPWNVVRI
KIVQMLSDTLKNLSDRVVFVLWAHGFELTSMKYFVKIGPERTCCLCDRRATCFSTASDTYACWHHSIGFDYVYNPFMIDV
QQWGFTGNLQSNHDLYCQVHGNAHVASCDAIMTRCLAVHECFVKRVDWTIEYPIIGDELKINAACRKVQHMVVKAALLAD
KFPVLHDIGNPKAIKCVPQADVEWKFYDAQPCSDKAYKIEELFYSYATHSDKFTDGVCLFWNCNVDRYPANSIVCRFDTR
VLSNLNLPGCDGGSLYVNKHAFHTPAFDKSAFVNLKQLPFFYYSDSPCESHGKQVVSDIDYVPLKSATCITRCNLGGAVC
RHHANEYRLYLDAYNMMISAGFSLWVYKQFDTYNLWNTFTRLQ
;
_entity_poly.pdbx_strand_id   D
#
# COMPACT_ATOMS: atom_id res chain seq x y z
N PRO A 20 22.70 -16.22 5.14
CA PRO A 20 21.59 -16.25 4.18
C PRO A 20 20.92 -14.89 3.90
N THR A 21 21.46 -13.80 4.44
CA THR A 21 20.76 -12.50 4.50
C THR A 21 20.70 -11.88 3.09
N HIS A 22 21.84 -11.63 2.43
CA HIS A 22 21.93 -10.91 1.12
C HIS A 22 22.05 -11.88 -0.05
N LEU A 23 21.80 -11.40 -1.27
CA LEU A 23 21.95 -12.17 -2.52
C LEU A 23 23.43 -12.22 -2.88
N SER A 24 24.05 -13.41 -2.92
CA SER A 24 25.50 -13.59 -3.22
C SER A 24 25.75 -13.09 -4.64
N VAL A 25 26.79 -12.30 -4.85
CA VAL A 25 27.21 -11.89 -6.23
C VAL A 25 27.62 -13.12 -7.03
N ASP A 26 27.99 -14.24 -6.37
CA ASP A 26 28.44 -15.48 -7.06
C ASP A 26 27.24 -16.30 -7.54
N THR A 27 26.03 -15.94 -7.12
CA THR A 27 24.77 -16.55 -7.63
C THR A 27 24.66 -16.38 -9.14
N LYS A 28 24.06 -17.35 -9.81
CA LYS A 28 23.97 -17.36 -11.28
C LYS A 28 22.80 -16.48 -11.70
N PHE A 29 22.93 -15.89 -12.85
CA PHE A 29 21.89 -15.03 -13.45
C PHE A 29 21.55 -15.57 -14.84
N LYS A 30 20.29 -15.97 -15.02
CA LYS A 30 19.81 -16.51 -16.30
C LYS A 30 19.75 -15.36 -17.29
N THR A 31 20.45 -15.49 -18.44
CA THR A 31 20.77 -14.41 -19.41
C THR A 31 19.90 -14.51 -20.64
N GLU A 32 19.03 -15.53 -20.71
CA GLU A 32 18.23 -15.77 -21.93
C GLU A 32 17.36 -14.54 -22.26
N GLY A 33 16.72 -13.97 -21.23
CA GLY A 33 16.00 -12.68 -21.30
C GLY A 33 16.79 -11.57 -21.99
N LEU A 34 18.13 -11.57 -21.92
CA LEU A 34 18.99 -10.46 -22.44
C LEU A 34 19.43 -10.68 -23.90
N CYS A 35 19.28 -11.87 -24.48
CA CYS A 35 20.09 -12.20 -25.68
C CYS A 35 19.53 -11.57 -26.95
N VAL A 36 18.37 -10.91 -26.93
CA VAL A 36 17.91 -10.16 -28.16
C VAL A 36 18.48 -8.73 -28.09
N ASP A 37 18.46 -8.08 -26.93
CA ASP A 37 19.21 -6.80 -26.81
C ASP A 37 20.73 -7.05 -26.84
N ILE A 38 21.23 -8.11 -26.22
CA ILE A 38 22.69 -8.45 -26.19
C ILE A 38 22.93 -9.83 -26.81
N PRO A 39 22.89 -9.91 -28.16
CA PRO A 39 23.30 -11.12 -28.87
C PRO A 39 24.71 -11.60 -28.51
N GLY A 40 24.80 -12.90 -28.21
CA GLY A 40 26.04 -13.63 -27.93
C GLY A 40 26.38 -13.66 -26.46
N ILE A 41 25.44 -13.21 -25.62
CA ILE A 41 25.73 -13.10 -24.16
C ILE A 41 25.94 -14.51 -23.63
N PRO A 42 26.97 -14.74 -22.77
CA PRO A 42 27.22 -16.07 -22.22
C PRO A 42 25.98 -16.59 -21.48
N LYS A 43 25.72 -17.88 -21.58
CA LYS A 43 24.64 -18.53 -20.79
C LYS A 43 25.12 -18.58 -19.33
N ASP A 44 26.42 -18.78 -19.10
CA ASP A 44 27.00 -18.84 -17.73
C ASP A 44 27.33 -17.40 -17.32
N MET A 45 26.66 -16.88 -16.29
CA MET A 45 26.95 -15.54 -15.70
C MET A 45 26.57 -15.48 -14.22
N THR A 46 27.42 -14.83 -13.41
CA THR A 46 27.14 -14.42 -12.00
C THR A 46 26.60 -12.98 -11.98
N TYR A 47 26.03 -12.56 -10.85
CA TYR A 47 25.77 -11.13 -10.55
C TYR A 47 27.11 -10.38 -10.67
N ARG A 48 28.16 -10.88 -10.02
CA ARG A 48 29.54 -10.33 -10.10
C ARG A 48 29.85 -9.90 -11.53
N ARG A 49 29.72 -10.78 -12.51
CA ARG A 49 30.15 -10.44 -13.89
C ARG A 49 29.09 -9.54 -14.55
N LEU A 50 27.82 -9.70 -14.21
CA LEU A 50 26.73 -8.83 -14.74
C LEU A 50 26.96 -7.40 -14.24
N ILE A 51 27.16 -7.21 -12.95
CA ILE A 51 27.36 -5.85 -12.39
C ILE A 51 28.58 -5.22 -13.09
N SER A 52 29.64 -6.00 -13.22
CA SER A 52 30.87 -5.64 -13.94
C SER A 52 30.56 -5.15 -15.36
N MET A 53 29.77 -5.92 -16.10
CA MET A 53 29.44 -5.62 -17.52
C MET A 53 28.48 -4.42 -17.58
N MET A 54 27.77 -4.11 -16.51
CA MET A 54 26.88 -2.91 -16.50
C MET A 54 27.75 -1.67 -16.28
N GLY A 55 29.06 -1.87 -16.09
CA GLY A 55 30.06 -0.81 -15.96
C GLY A 55 30.27 -0.31 -14.53
N PHE A 56 29.96 -1.09 -13.49
CA PHE A 56 30.12 -0.72 -12.07
C PHE A 56 31.17 -1.65 -11.45
N LYS A 57 31.82 -1.21 -10.38
CA LYS A 57 32.90 -1.98 -9.73
C LYS A 57 32.63 -2.06 -8.22
N MET A 58 32.41 -3.27 -7.70
CA MET A 58 32.10 -3.51 -6.26
C MET A 58 33.39 -3.45 -5.44
N ASN A 59 34.58 -3.64 -6.05
CA ASN A 59 35.94 -3.42 -5.46
C ASN A 59 36.20 -4.29 -4.22
N TYR A 60 35.74 -5.55 -4.19
CA TYR A 60 35.82 -6.46 -3.00
C TYR A 60 35.46 -5.65 -1.74
N GLN A 61 34.19 -5.24 -1.63
CA GLN A 61 33.73 -4.19 -0.67
C GLN A 61 32.78 -4.79 0.38
N VAL A 62 33.32 -5.01 1.58
CA VAL A 62 32.52 -5.00 2.83
C VAL A 62 32.26 -3.53 3.17
N ASN A 63 31.09 -2.98 2.81
CA ASN A 63 30.61 -1.65 3.28
C ASN A 63 29.08 -1.56 3.16
N GLY A 64 28.35 -2.61 3.54
CA GLY A 64 26.88 -2.62 3.65
C GLY A 64 26.14 -2.55 2.30
N TYR A 65 26.86 -2.61 1.17
CA TYR A 65 26.27 -2.68 -0.21
C TYR A 65 26.92 -3.84 -0.96
N PRO A 66 26.63 -5.11 -0.58
CA PRO A 66 27.32 -6.27 -1.14
C PRO A 66 26.84 -6.58 -2.55
N ASN A 67 25.61 -6.22 -2.93
CA ASN A 67 25.07 -6.50 -4.29
C ASN A 67 24.01 -5.45 -4.66
N MET A 68 24.09 -4.93 -5.90
CA MET A 68 23.06 -4.03 -6.45
C MET A 68 21.71 -4.79 -6.50
N PHE A 69 21.78 -6.11 -6.66
CA PHE A 69 20.62 -6.99 -6.89
C PHE A 69 20.24 -7.65 -5.57
N ILE A 70 18.95 -7.91 -5.36
CA ILE A 70 18.48 -8.36 -4.00
C ILE A 70 17.53 -9.54 -4.16
N THR A 71 17.35 -10.27 -3.07
CA THR A 71 16.43 -11.42 -2.97
C THR A 71 14.99 -10.92 -3.10
N ARG A 72 14.10 -11.83 -3.45
CA ARG A 72 12.64 -11.73 -3.24
C ARG A 72 12.37 -11.29 -1.79
N GLU A 73 12.88 -12.03 -0.82
CA GLU A 73 12.67 -11.78 0.63
C GLU A 73 12.98 -10.30 0.90
N GLU A 74 14.16 -9.85 0.52
CA GLU A 74 14.61 -8.44 0.75
C GLU A 74 13.63 -7.52 0.00
N ALA A 75 13.35 -7.82 -1.27
CA ALA A 75 12.45 -6.98 -2.09
C ALA A 75 11.11 -6.83 -1.34
N ILE A 76 10.61 -7.90 -0.71
CA ILE A 76 9.29 -7.84 -0.03
C ILE A 76 9.41 -6.91 1.20
N ARG A 77 10.49 -6.97 1.99
CA ARG A 77 10.60 -6.03 3.14
C ARG A 77 10.62 -4.60 2.62
N HIS A 78 11.05 -4.38 1.36
CA HIS A 78 11.32 -3.04 0.79
C HIS A 78 10.31 -2.73 -0.33
N VAL A 79 9.07 -3.21 -0.21
CA VAL A 79 7.99 -2.99 -1.22
C VAL A 79 7.66 -1.50 -1.35
N ARG A 80 7.73 -0.72 -0.26
CA ARG A 80 7.43 0.72 -0.37
C ARG A 80 8.42 1.36 -1.34
N ALA A 81 9.52 0.67 -1.66
CA ALA A 81 10.62 1.27 -2.46
C ALA A 81 10.49 0.87 -3.94
N TRP A 82 9.50 0.03 -4.30
CA TRP A 82 9.44 -0.55 -5.67
C TRP A 82 9.07 0.52 -6.70
N ILE A 83 9.91 0.66 -7.72
CA ILE A 83 9.68 1.47 -8.94
C ILE A 83 9.96 0.55 -10.13
N GLY A 84 8.92 0.12 -10.82
CA GLY A 84 9.05 -0.59 -12.08
C GLY A 84 9.86 0.29 -12.98
N PHE A 85 10.80 -0.30 -13.72
CA PHE A 85 11.65 0.43 -14.69
C PHE A 85 11.82 -0.41 -15.95
N ASP A 86 11.73 0.25 -17.10
CA ASP A 86 11.84 -0.37 -18.44
C ASP A 86 12.43 0.64 -19.42
N VAL A 87 13.25 0.14 -20.34
CA VAL A 87 13.89 0.95 -21.41
C VAL A 87 13.59 0.27 -22.73
N GLU A 88 13.26 1.05 -23.75
CA GLU A 88 12.93 0.58 -25.12
C GLU A 88 13.70 1.46 -26.12
N GLY A 89 14.45 0.84 -27.05
CA GLY A 89 15.02 1.50 -28.24
C GLY A 89 13.95 2.28 -28.98
N CYS A 90 14.31 3.37 -29.66
CA CYS A 90 13.38 4.35 -30.29
C CYS A 90 13.58 4.34 -31.81
N HIS A 91 14.84 4.35 -32.26
CA HIS A 91 15.26 4.02 -33.65
C HIS A 91 16.09 2.74 -33.61
N GLY A 98 21.32 1.67 -27.59
CA GLY A 98 22.68 1.32 -28.04
C GLY A 98 23.38 2.47 -28.76
N THR A 99 24.05 3.35 -27.99
CA THR A 99 24.93 4.52 -28.37
C THR A 99 24.54 5.18 -29.70
N ASN A 100 24.15 4.38 -30.70
CA ASN A 100 23.52 4.83 -31.97
C ASN A 100 22.27 5.64 -31.63
N LEU A 101 21.25 5.02 -31.00
CA LEU A 101 19.82 5.44 -31.09
C LEU A 101 19.29 6.05 -29.78
N PRO A 102 18.17 6.81 -29.87
CA PRO A 102 17.47 7.32 -28.69
C PRO A 102 16.90 6.20 -27.81
N LEU A 103 16.75 6.43 -26.51
CA LEU A 103 16.20 5.43 -25.55
C LEU A 103 15.01 6.04 -24.80
N GLN A 104 13.89 5.30 -24.76
CA GLN A 104 12.67 5.62 -23.98
C GLN A 104 12.81 4.98 -22.59
N LEU A 105 12.83 5.81 -21.54
CA LEU A 105 12.98 5.39 -20.12
C LEU A 105 11.60 5.45 -19.48
N GLY A 106 11.07 4.32 -19.02
CA GLY A 106 9.71 4.27 -18.48
C GLY A 106 9.74 3.84 -17.04
N PHE A 107 8.99 4.52 -16.17
CA PHE A 107 8.93 4.22 -14.72
C PHE A 107 7.47 3.95 -14.33
N SER A 108 7.26 3.15 -13.26
CA SER A 108 5.90 2.78 -12.79
C SER A 108 5.17 4.02 -12.23
N THR A 109 5.80 5.18 -12.18
CA THR A 109 5.10 6.46 -11.94
C THR A 109 4.34 6.90 -13.21
N GLY A 110 4.41 6.17 -14.32
CA GLY A 110 3.73 6.53 -15.59
C GLY A 110 4.51 7.58 -16.38
N VAL A 111 5.75 7.86 -15.99
CA VAL A 111 6.67 8.81 -16.70
C VAL A 111 7.50 8.10 -17.77
N ASN A 112 7.69 8.77 -18.91
CA ASN A 112 8.62 8.34 -19.98
C ASN A 112 9.57 9.51 -20.25
N LEU A 113 10.89 9.30 -20.16
CA LEU A 113 11.87 10.30 -20.69
C LEU A 113 12.54 9.70 -21.91
N VAL A 114 12.80 10.50 -22.94
CA VAL A 114 13.71 10.08 -24.04
C VAL A 114 15.10 10.66 -23.78
N ALA A 115 16.10 9.79 -23.67
CA ALA A 115 17.54 10.15 -23.62
C ALA A 115 18.16 9.96 -25.00
N VAL A 116 18.97 10.93 -25.42
CA VAL A 116 19.79 10.89 -26.65
C VAL A 116 21.25 10.84 -26.26
N PRO A 117 22.09 10.17 -27.07
CA PRO A 117 23.51 10.09 -26.76
C PRO A 117 24.17 11.37 -27.27
N THR A 118 23.49 12.12 -28.14
CA THR A 118 23.96 13.41 -28.74
C THR A 118 25.39 13.73 -28.28
N PRO A 147 1.12 7.84 -18.58
CA PRO A 147 0.94 8.38 -19.94
C PRO A 147 2.05 9.37 -20.35
N LEU A 148 2.62 10.13 -19.40
CA LEU A 148 3.49 11.32 -19.61
C LEU A 148 4.65 10.97 -20.55
N MET A 149 4.75 11.68 -21.68
CA MET A 149 5.71 11.41 -22.79
C MET A 149 6.55 12.68 -23.03
N TYR A 150 7.85 12.65 -22.70
CA TYR A 150 8.82 13.78 -22.78
C TYR A 150 9.74 13.63 -24.00
N LYS A 151 10.07 14.75 -24.65
CA LYS A 151 10.94 14.84 -25.86
C LYS A 151 12.39 14.48 -25.50
N GLY A 152 13.18 14.22 -26.54
CA GLY A 152 14.57 13.70 -26.48
C GLY A 152 15.56 14.72 -25.95
N LEU A 153 16.36 14.31 -24.96
CA LEU A 153 17.29 15.22 -24.24
C LEU A 153 18.50 14.44 -23.78
N PRO A 154 19.68 15.08 -23.68
CA PRO A 154 20.87 14.37 -23.27
C PRO A 154 20.78 13.82 -21.84
N TRP A 155 21.64 12.84 -21.55
CA TRP A 155 21.76 12.19 -20.22
C TRP A 155 21.98 13.21 -19.10
N ASN A 156 22.80 14.24 -19.33
CA ASN A 156 23.22 15.17 -18.26
C ASN A 156 21.97 15.86 -17.68
N VAL A 157 20.97 16.18 -18.50
CA VAL A 157 19.68 16.73 -17.97
C VAL A 157 18.77 15.57 -17.55
N VAL A 158 18.64 14.49 -18.34
CA VAL A 158 17.73 13.34 -17.99
C VAL A 158 18.04 12.85 -16.55
N ARG A 159 19.30 12.73 -16.14
CA ARG A 159 19.60 12.14 -14.79
C ARG A 159 19.04 13.02 -13.66
N ILE A 160 19.10 14.36 -13.82
CA ILE A 160 18.52 15.40 -12.89
C ILE A 160 17.03 15.13 -12.67
N LYS A 161 16.27 14.99 -13.75
CA LYS A 161 14.82 14.72 -13.71
C LYS A 161 14.55 13.37 -13.03
N ILE A 162 15.40 12.35 -13.24
CA ILE A 162 15.26 11.01 -12.60
C ILE A 162 15.38 11.15 -11.08
N VAL A 163 16.36 11.92 -10.59
CA VAL A 163 16.56 12.13 -9.12
C VAL A 163 15.31 12.84 -8.54
N GLN A 164 14.80 13.87 -9.21
CA GLN A 164 13.66 14.70 -8.71
C GLN A 164 12.42 13.79 -8.57
N MET A 165 12.10 13.06 -9.65
CA MET A 165 10.96 12.10 -9.70
C MET A 165 11.04 11.06 -8.57
N LEU A 166 12.19 10.38 -8.40
CA LEU A 166 12.37 9.31 -7.40
C LEU A 166 12.28 9.89 -5.97
N SER A 167 12.92 11.04 -5.76
CA SER A 167 12.88 11.79 -4.48
C SER A 167 11.43 12.17 -4.14
N ASP A 168 10.69 12.78 -5.07
CA ASP A 168 9.29 13.20 -4.77
C ASP A 168 8.44 11.96 -4.49
N THR A 169 8.63 10.86 -5.22
CA THR A 169 7.79 9.64 -5.08
C THR A 169 8.13 8.93 -3.77
N LEU A 170 9.42 8.92 -3.42
CA LEU A 170 9.91 7.96 -2.39
C LEU A 170 10.15 8.62 -1.05
N LYS A 171 10.26 9.94 -0.93
CA LYS A 171 10.79 10.53 0.34
C LYS A 171 9.86 10.20 1.51
N ASN A 172 8.56 10.06 1.27
CA ASN A 172 7.61 9.71 2.37
C ASN A 172 7.28 8.22 2.41
N LEU A 173 8.00 7.37 1.69
CA LEU A 173 7.74 5.91 1.57
C LEU A 173 8.91 5.12 2.15
N SER A 174 10.11 5.36 1.65
CA SER A 174 11.26 4.44 1.81
C SER A 174 12.56 5.20 2.02
N ASP A 175 13.54 4.53 2.63
CA ASP A 175 14.97 4.95 2.72
C ASP A 175 15.75 4.59 1.45
N ARG A 176 15.17 3.90 0.47
CA ARG A 176 15.92 3.47 -0.76
C ARG A 176 14.99 3.45 -1.97
N VAL A 177 15.53 3.08 -3.13
CA VAL A 177 14.78 2.66 -4.36
C VAL A 177 15.13 1.21 -4.70
N VAL A 178 14.12 0.41 -5.13
CA VAL A 178 14.28 -0.94 -5.73
C VAL A 178 13.72 -0.92 -7.14
N PHE A 179 14.59 -0.83 -8.16
CA PHE A 179 14.15 -0.85 -9.57
C PHE A 179 13.68 -2.29 -9.84
N VAL A 180 12.40 -2.41 -10.20
CA VAL A 180 11.74 -3.71 -10.45
C VAL A 180 11.69 -3.89 -11.97
N LEU A 181 12.38 -4.94 -12.44
CA LEU A 181 12.76 -5.15 -13.86
C LEU A 181 12.10 -6.40 -14.44
N TRP A 182 11.78 -6.32 -15.73
CA TRP A 182 11.67 -7.50 -16.61
C TRP A 182 12.74 -7.30 -17.70
N ALA A 183 13.96 -7.76 -17.39
CA ALA A 183 15.24 -7.30 -17.95
C ALA A 183 15.43 -7.93 -19.32
N HIS A 184 15.61 -7.11 -20.34
CA HIS A 184 15.91 -7.55 -21.71
C HIS A 184 17.23 -6.94 -22.22
N GLY A 185 17.83 -5.97 -21.55
CA GLY A 185 19.19 -5.49 -21.88
C GLY A 185 19.37 -3.98 -21.74
N PHE A 186 18.60 -3.17 -22.45
CA PHE A 186 18.81 -1.70 -22.45
C PHE A 186 18.60 -1.10 -21.06
N GLU A 187 17.74 -1.68 -20.22
CA GLU A 187 17.49 -1.08 -18.88
C GLU A 187 18.81 -1.22 -18.11
N LEU A 188 19.46 -2.37 -18.21
CA LEU A 188 20.66 -2.67 -17.39
C LEU A 188 21.85 -1.85 -17.93
N THR A 189 22.02 -1.76 -19.25
CA THR A 189 23.17 -1.04 -19.82
C THR A 189 22.90 0.46 -19.70
N SER A 190 21.70 0.92 -19.34
CA SER A 190 21.42 2.37 -19.28
C SER A 190 21.70 2.91 -17.88
N MET A 191 21.96 2.05 -16.92
CA MET A 191 22.12 2.50 -15.51
C MET A 191 23.41 3.30 -15.31
N LYS A 192 24.46 2.93 -16.01
CA LYS A 192 25.77 3.59 -15.83
C LYS A 192 25.58 5.12 -15.98
N TYR A 193 24.54 5.54 -16.68
CA TYR A 193 24.33 6.94 -17.11
C TYR A 193 23.59 7.76 -16.05
N PHE A 194 22.97 7.12 -15.05
CA PHE A 194 22.22 7.84 -14.00
C PHE A 194 22.52 7.25 -12.62
N VAL A 195 23.35 6.21 -12.48
CA VAL A 195 23.62 5.56 -11.17
C VAL A 195 25.11 5.65 -10.84
N LYS A 196 25.43 6.00 -9.59
CA LYS A 196 26.78 5.83 -9.00
C LYS A 196 26.60 4.96 -7.77
N ILE A 197 27.53 4.05 -7.53
CA ILE A 197 27.56 3.15 -6.33
C ILE A 197 28.85 3.40 -5.53
N GLY A 198 28.99 2.75 -4.39
CA GLY A 198 30.07 3.06 -3.44
C GLY A 198 29.72 2.52 -2.06
N PRO A 199 30.50 2.89 -1.03
CA PRO A 199 30.14 2.53 0.33
C PRO A 199 28.82 3.23 0.72
N GLU A 200 28.00 2.56 1.53
CA GLU A 200 26.83 3.16 2.18
C GLU A 200 27.30 4.47 2.82
N ARG A 201 26.51 5.54 2.69
CA ARG A 201 26.84 6.89 3.22
C ARG A 201 25.60 7.47 3.87
N THR A 202 25.73 8.63 4.50
CA THR A 202 24.59 9.32 5.13
C THR A 202 24.37 10.64 4.42
N CYS A 203 23.13 11.09 4.45
CA CYS A 203 22.71 12.38 3.88
C CYS A 203 23.64 13.44 4.45
N CYS A 204 23.97 14.46 3.68
CA CYS A 204 24.84 15.56 4.15
C CYS A 204 24.06 16.57 5.02
N LEU A 205 22.73 16.47 5.14
CA LEU A 205 21.88 17.43 5.90
C LEU A 205 21.03 16.71 6.97
N CYS A 206 21.19 15.40 7.15
CA CYS A 206 20.43 14.56 8.13
C CYS A 206 21.10 13.19 8.29
N ASP A 207 20.61 12.40 9.23
CA ASP A 207 21.18 11.09 9.60
C ASP A 207 20.64 10.00 8.69
N ARG A 208 19.74 10.33 7.77
CA ARG A 208 19.14 9.35 6.81
C ARG A 208 20.17 8.79 5.82
N ARG A 209 20.05 7.52 5.46
CA ARG A 209 20.98 6.92 4.46
C ARG A 209 20.85 7.72 3.16
N ALA A 210 21.97 7.80 2.43
CA ALA A 210 22.12 8.56 1.17
C ALA A 210 21.58 7.72 0.01
N THR A 211 20.80 8.35 -0.86
CA THR A 211 20.11 7.75 -2.04
C THR A 211 20.47 8.50 -3.33
N CYS A 212 21.14 9.64 -3.22
CA CYS A 212 21.41 10.56 -4.36
C CYS A 212 22.82 11.12 -4.21
N PHE A 213 23.42 11.59 -5.29
CA PHE A 213 24.78 12.16 -5.29
C PHE A 213 24.85 13.36 -6.24
N SER A 214 25.52 14.44 -5.85
CA SER A 214 25.75 15.59 -6.75
C SER A 214 27.20 15.56 -7.21
N THR A 215 27.44 15.60 -8.52
CA THR A 215 28.79 15.86 -9.07
C THR A 215 29.15 17.34 -8.96
N ALA A 216 28.19 18.26 -8.86
CA ALA A 216 28.44 19.72 -8.72
C ALA A 216 29.12 20.02 -7.38
N SER A 217 28.53 19.53 -6.30
CA SER A 217 29.03 19.79 -4.93
C SER A 217 29.86 18.61 -4.41
N ASP A 218 29.94 17.50 -5.12
CA ASP A 218 30.65 16.30 -4.57
C ASP A 218 30.08 15.90 -3.20
N THR A 219 28.75 15.84 -3.06
CA THR A 219 28.05 15.49 -1.80
C THR A 219 26.95 14.43 -2.02
N TYR A 220 26.38 13.97 -0.93
CA TYR A 220 25.37 12.90 -0.85
C TYR A 220 24.13 13.37 -0.09
N ALA A 221 22.94 13.05 -0.59
CA ALA A 221 21.67 13.38 0.08
C ALA A 221 20.77 12.17 0.13
N CYS A 222 19.85 12.14 1.10
CA CYS A 222 18.66 11.27 1.12
C CYS A 222 17.61 11.85 0.15
N TRP A 223 16.40 11.29 0.12
CA TRP A 223 15.32 11.68 -0.83
C TRP A 223 14.78 13.07 -0.48
N HIS A 224 14.82 13.44 0.81
CA HIS A 224 14.27 14.72 1.33
C HIS A 224 15.17 15.90 0.98
N HIS A 225 16.47 15.68 0.77
CA HIS A 225 17.47 16.78 0.74
C HIS A 225 18.18 16.82 -0.61
N SER A 226 17.60 16.23 -1.65
CA SER A 226 18.34 15.81 -2.87
C SER A 226 18.18 16.83 -4.00
N ILE A 227 17.65 18.02 -3.70
CA ILE A 227 17.21 18.98 -4.75
C ILE A 227 18.46 19.45 -5.48
N GLY A 228 18.48 19.39 -6.82
CA GLY A 228 19.67 19.75 -7.62
C GLY A 228 20.69 18.62 -7.73
N PHE A 229 20.47 17.44 -7.13
CA PHE A 229 21.38 16.28 -7.25
C PHE A 229 21.14 15.58 -8.58
N ASP A 230 22.19 14.96 -9.14
CA ASP A 230 22.19 14.50 -10.56
C ASP A 230 22.37 13.00 -10.65
N TYR A 231 22.68 12.28 -9.57
CA TYR A 231 22.87 10.82 -9.64
C TYR A 231 22.10 10.08 -8.55
N VAL A 232 21.46 8.99 -8.96
CA VAL A 232 20.90 7.96 -8.06
C VAL A 232 22.09 7.24 -7.42
N TYR A 233 22.05 7.08 -6.11
CA TYR A 233 23.22 6.57 -5.36
C TYR A 233 22.87 5.29 -4.61
N ASN A 234 23.62 4.23 -4.89
CA ASN A 234 23.43 2.87 -4.33
C ASN A 234 21.95 2.48 -4.44
N PRO A 235 21.38 2.43 -5.67
CA PRO A 235 20.06 1.87 -5.86
C PRO A 235 20.12 0.35 -5.67
N PHE A 236 18.94 -0.26 -5.56
CA PHE A 236 18.75 -1.74 -5.63
C PHE A 236 17.84 -2.08 -6.82
N MET A 237 17.85 -3.37 -7.15
CA MET A 237 17.10 -3.89 -8.31
C MET A 237 16.84 -5.36 -8.11
N ILE A 238 15.78 -5.84 -8.75
CA ILE A 238 15.39 -7.27 -8.79
C ILE A 238 14.84 -7.52 -10.19
N ASP A 239 15.40 -8.50 -10.90
CA ASP A 239 14.89 -8.90 -12.26
C ASP A 239 13.85 -9.99 -12.05
N VAL A 240 12.58 -9.65 -12.37
CA VAL A 240 11.37 -10.50 -12.17
C VAL A 240 11.52 -11.74 -13.05
N GLN A 241 12.14 -11.58 -14.22
CA GLN A 241 12.32 -12.69 -15.18
C GLN A 241 13.20 -13.83 -14.61
N GLN A 242 13.89 -13.64 -13.47
CA GLN A 242 14.74 -14.68 -12.82
C GLN A 242 13.87 -15.66 -12.05
N TRP A 243 12.62 -15.31 -11.83
CA TRP A 243 11.75 -16.06 -10.89
C TRP A 243 11.20 -17.32 -11.56
N GLY A 244 11.33 -17.45 -12.89
CA GLY A 244 10.99 -18.67 -13.65
C GLY A 244 9.56 -18.60 -14.15
N PHE A 245 9.35 -17.81 -15.18
CA PHE A 245 8.09 -17.70 -15.95
C PHE A 245 8.39 -18.27 -17.33
N THR A 246 7.33 -18.56 -18.08
CA THR A 246 7.26 -18.87 -19.53
C THR A 246 6.53 -17.74 -20.24
N GLY A 247 6.99 -17.38 -21.42
CA GLY A 247 6.31 -16.35 -22.21
C GLY A 247 6.66 -15.00 -21.64
N ASN A 248 6.20 -13.97 -22.29
CA ASN A 248 6.70 -12.61 -22.03
C ASN A 248 5.93 -11.98 -20.86
N LEU A 249 6.20 -10.71 -20.64
CA LEU A 249 5.63 -9.90 -19.53
C LEU A 249 4.12 -9.80 -19.70
N GLN A 250 3.67 -9.40 -20.88
CA GLN A 250 2.23 -9.07 -21.06
C GLN A 250 1.42 -10.33 -20.83
N SER A 251 1.84 -11.46 -21.39
CA SER A 251 1.15 -12.76 -21.27
C SER A 251 1.08 -13.13 -19.79
N ASN A 252 2.12 -12.81 -19.03
CA ASN A 252 2.17 -13.20 -17.60
C ASN A 252 1.31 -12.23 -16.78
N HIS A 253 1.43 -10.93 -17.06
CA HIS A 253 0.74 -9.85 -16.31
C HIS A 253 -0.76 -10.05 -16.46
N ASP A 254 -1.18 -10.21 -17.72
CA ASP A 254 -2.60 -10.25 -18.16
C ASP A 254 -3.31 -11.51 -17.66
N LEU A 255 -2.61 -12.53 -17.14
CA LEU A 255 -3.30 -13.62 -16.42
C LEU A 255 -4.09 -13.05 -15.25
N TYR A 256 -3.54 -12.03 -14.58
CA TYR A 256 -3.94 -11.65 -13.20
C TYR A 256 -4.68 -10.31 -13.17
N CYS A 257 -4.57 -9.49 -14.21
CA CYS A 257 -4.86 -8.04 -14.13
C CYS A 257 -5.38 -7.51 -15.46
N GLN A 258 -6.60 -6.95 -15.45
CA GLN A 258 -7.27 -6.33 -16.64
C GLN A 258 -7.12 -4.80 -16.60
N VAL A 259 -6.54 -4.22 -15.55
CA VAL A 259 -6.64 -2.75 -15.28
C VAL A 259 -5.49 -1.99 -15.93
N HIS A 260 -4.31 -2.56 -16.03
CA HIS A 260 -3.19 -1.95 -16.77
C HIS A 260 -3.18 -2.46 -18.20
N GLY A 261 -3.40 -1.59 -19.16
CA GLY A 261 -3.32 -1.95 -20.59
C GLY A 261 -1.88 -2.05 -21.02
N ASN A 262 -1.65 -2.04 -22.34
CA ASN A 262 -0.30 -1.98 -22.94
C ASN A 262 -0.35 -1.16 -24.23
N ALA A 263 0.19 0.06 -24.19
CA ALA A 263 0.24 0.97 -25.35
C ALA A 263 1.58 0.79 -26.09
N HIS A 264 2.36 -0.25 -25.77
CA HIS A 264 3.73 -0.48 -26.33
C HIS A 264 4.60 0.75 -26.03
N VAL A 265 4.63 1.17 -24.77
CA VAL A 265 5.48 2.27 -24.28
C VAL A 265 6.05 1.88 -22.92
N ALA A 266 7.25 2.38 -22.67
CA ALA A 266 8.14 1.93 -21.58
C ALA A 266 7.42 2.03 -20.25
N SER A 267 6.68 3.10 -20.00
CA SER A 267 6.00 3.31 -18.69
C SER A 267 4.98 2.18 -18.48
N CYS A 268 4.35 1.66 -19.54
CA CYS A 268 3.36 0.57 -19.46
C CYS A 268 4.00 -0.74 -19.00
N ASP A 269 5.14 -1.11 -19.56
CA ASP A 269 5.84 -2.36 -19.12
C ASP A 269 6.30 -2.17 -17.67
N ALA A 270 6.83 -0.99 -17.35
CA ALA A 270 7.30 -0.65 -15.99
C ALA A 270 6.17 -0.87 -14.98
N ILE A 271 4.95 -0.47 -15.34
CA ILE A 271 3.72 -0.62 -14.51
C ILE A 271 3.35 -2.09 -14.38
N MET A 272 3.27 -2.81 -15.51
CA MET A 272 2.99 -4.27 -15.59
C MET A 272 4.01 -5.13 -14.79
N THR A 273 5.30 -4.78 -14.89
CA THR A 273 6.40 -5.47 -14.18
C THR A 273 6.13 -5.41 -12.68
N ARG A 274 5.97 -4.19 -12.13
CA ARG A 274 5.67 -3.97 -10.68
C ARG A 274 4.36 -4.69 -10.30
N CYS A 275 3.33 -4.58 -11.15
CA CYS A 275 2.00 -5.21 -10.89
C CYS A 275 2.21 -6.72 -10.73
N LEU A 276 2.86 -7.36 -11.70
CA LEU A 276 3.10 -8.84 -11.68
C LEU A 276 3.89 -9.20 -10.41
N ALA A 277 4.91 -8.40 -10.09
CA ALA A 277 5.75 -8.57 -8.89
C ALA A 277 4.84 -8.50 -7.66
N VAL A 278 3.94 -7.52 -7.62
CA VAL A 278 3.03 -7.37 -6.44
C VAL A 278 2.12 -8.61 -6.36
N HIS A 279 1.59 -9.06 -7.50
CA HIS A 279 0.70 -10.23 -7.58
C HIS A 279 1.39 -11.42 -6.90
N GLU A 280 2.67 -11.62 -7.21
CA GLU A 280 3.45 -12.84 -6.87
C GLU A 280 3.77 -12.82 -5.39
N CYS A 281 4.07 -11.64 -4.87
CA CYS A 281 4.68 -11.50 -3.53
C CYS A 281 3.59 -11.20 -2.48
N PHE A 282 2.40 -10.75 -2.88
CA PHE A 282 1.39 -10.16 -1.94
C PHE A 282 -0.04 -10.70 -2.13
N VAL A 283 -0.40 -11.10 -3.35
CA VAL A 283 -1.75 -11.69 -3.65
C VAL A 283 -1.67 -13.21 -3.42
N LYS A 284 -0.96 -13.92 -4.30
CA LYS A 284 -0.97 -15.40 -4.35
C LYS A 284 -0.20 -15.91 -3.13
N ARG A 285 0.98 -15.36 -2.86
CA ARG A 285 1.71 -15.58 -1.59
C ARG A 285 1.34 -14.43 -0.65
N VAL A 286 1.07 -14.72 0.62
CA VAL A 286 0.81 -13.71 1.69
C VAL A 286 1.80 -13.98 2.85
N ASP A 287 2.20 -12.96 3.60
CA ASP A 287 3.05 -13.15 4.80
C ASP A 287 2.78 -12.07 5.83
N TRP A 288 2.04 -12.41 6.89
CA TRP A 288 1.60 -11.49 7.97
C TRP A 288 2.60 -11.53 9.13
N THR A 289 3.65 -12.34 9.02
CA THR A 289 4.81 -12.27 9.95
C THR A 289 5.69 -11.07 9.59
N ILE A 290 5.72 -10.62 8.33
CA ILE A 290 6.62 -9.49 7.92
C ILE A 290 6.06 -8.21 8.51
N GLU A 291 6.89 -7.48 9.26
CA GLU A 291 6.60 -6.18 9.88
C GLU A 291 7.08 -5.13 8.88
N TYR A 292 6.65 -3.87 9.02
CA TYR A 292 7.06 -2.75 8.15
C TYR A 292 7.14 -1.52 9.03
N PRO A 293 8.17 -0.64 8.83
CA PRO A 293 8.37 0.51 9.71
C PRO A 293 7.21 1.52 9.66
N ILE A 294 7.11 2.34 10.73
CA ILE A 294 6.13 3.45 10.89
C ILE A 294 6.63 4.60 10.03
N ILE A 295 5.84 5.11 9.10
CA ILE A 295 6.25 6.20 8.17
C ILE A 295 5.22 7.34 8.19
N GLY A 296 4.11 7.18 8.92
CA GLY A 296 2.93 8.06 8.87
C GLY A 296 2.10 7.92 10.13
N ASP A 297 0.76 7.92 10.01
CA ASP A 297 -0.18 7.94 11.17
C ASP A 297 -0.65 6.53 11.49
N GLU A 298 0.18 5.53 11.25
CA GLU A 298 -0.21 4.12 11.47
C GLU A 298 -0.87 4.01 12.85
N LEU A 299 -0.23 4.52 13.90
CA LEU A 299 -0.73 4.21 15.27
C LEU A 299 -2.08 4.89 15.53
N LYS A 300 -2.24 6.14 15.08
CA LYS A 300 -3.47 6.96 15.34
C LYS A 300 -4.66 6.35 14.61
N ILE A 301 -4.43 5.94 13.35
CA ILE A 301 -5.40 5.26 12.45
C ILE A 301 -5.88 3.96 13.11
N ASN A 302 -4.95 3.15 13.64
CA ASN A 302 -5.27 1.81 14.21
C ASN A 302 -6.13 2.02 15.46
N ALA A 303 -5.81 3.03 16.26
CA ALA A 303 -6.53 3.40 17.50
C ALA A 303 -7.92 3.88 17.11
N ALA A 304 -7.96 4.72 16.09
CA ALA A 304 -9.19 5.33 15.59
C ALA A 304 -10.15 4.20 15.24
N CYS A 305 -9.62 3.20 14.53
CA CYS A 305 -10.36 2.04 13.99
C CYS A 305 -11.01 1.30 15.15
N ARG A 306 -10.26 1.11 16.23
CA ARG A 306 -10.77 0.38 17.42
C ARG A 306 -11.84 1.25 18.10
N LYS A 307 -11.70 2.58 18.13
CA LYS A 307 -12.72 3.42 18.86
C LYS A 307 -14.02 3.46 18.07
N VAL A 308 -13.95 3.60 16.76
CA VAL A 308 -15.12 3.66 15.87
C VAL A 308 -15.82 2.29 15.87
N GLN A 309 -15.06 1.19 15.92
CA GLN A 309 -15.70 -0.15 15.86
C GLN A 309 -16.55 -0.33 17.14
N HIS A 310 -16.00 -0.05 18.30
CA HIS A 310 -16.70 -0.11 19.62
C HIS A 310 -17.96 0.79 19.56
N MET A 311 -17.80 2.03 19.10
CA MET A 311 -18.88 3.05 19.07
C MET A 311 -20.03 2.53 18.20
N VAL A 312 -19.75 2.17 16.95
CA VAL A 312 -20.77 1.84 15.91
C VAL A 312 -21.52 0.56 16.30
N VAL A 313 -20.84 -0.42 16.87
CA VAL A 313 -21.43 -1.73 17.20
C VAL A 313 -22.21 -1.59 18.51
N LYS A 314 -21.65 -0.88 19.50
CA LYS A 314 -22.34 -0.57 20.79
C LYS A 314 -23.69 0.08 20.51
N ALA A 315 -23.74 1.08 19.63
CA ALA A 315 -24.97 1.84 19.28
C ALA A 315 -25.95 0.95 18.53
N ALA A 316 -25.45 0.19 17.55
CA ALA A 316 -26.26 -0.76 16.77
C ALA A 316 -27.02 -1.69 17.73
N LEU A 317 -26.36 -2.14 18.78
CA LEU A 317 -26.96 -3.12 19.70
C LEU A 317 -28.00 -2.38 20.55
N LEU A 318 -27.68 -1.19 21.06
CA LEU A 318 -28.58 -0.36 21.92
C LEU A 318 -29.83 0.00 21.11
N ALA A 319 -29.66 0.44 19.86
CA ALA A 319 -30.75 0.88 18.96
C ALA A 319 -31.69 -0.28 18.61
N ASP A 320 -31.17 -1.43 18.18
CA ASP A 320 -32.02 -2.45 17.53
C ASP A 320 -32.00 -3.76 18.31
N LYS A 321 -31.19 -3.84 19.36
CA LYS A 321 -31.22 -4.89 20.42
C LYS A 321 -31.22 -6.28 19.79
N PHE A 322 -30.40 -6.49 18.76
CA PHE A 322 -30.22 -7.82 18.15
C PHE A 322 -29.91 -8.88 19.22
N PRO A 323 -30.53 -10.07 19.13
CA PRO A 323 -30.20 -11.14 20.06
C PRO A 323 -28.86 -11.85 19.77
N VAL A 324 -28.39 -11.81 18.53
CA VAL A 324 -27.13 -12.50 18.16
C VAL A 324 -26.35 -11.61 17.18
N LEU A 325 -25.05 -11.45 17.40
CA LEU A 325 -24.17 -10.79 16.42
C LEU A 325 -23.22 -11.84 15.80
N HIS A 326 -23.17 -11.92 14.48
CA HIS A 326 -22.26 -12.82 13.71
C HIS A 326 -21.05 -12.03 13.23
N ASP A 327 -19.89 -12.30 13.83
CA ASP A 327 -18.64 -11.52 13.66
C ASP A 327 -17.78 -12.27 12.67
N ILE A 328 -17.75 -11.81 11.42
CA ILE A 328 -17.14 -12.57 10.29
C ILE A 328 -15.83 -11.92 9.89
N GLY A 329 -14.72 -12.60 10.15
CA GLY A 329 -13.42 -12.17 9.62
C GLY A 329 -12.31 -12.60 10.53
N ASN A 330 -11.46 -11.64 10.88
CA ASN A 330 -10.17 -11.96 11.53
C ASN A 330 -10.36 -13.06 12.55
N PRO A 331 -9.69 -14.23 12.35
CA PRO A 331 -9.78 -15.34 13.31
C PRO A 331 -9.14 -14.99 14.65
N LYS A 332 -8.48 -13.84 14.77
CA LYS A 332 -7.89 -13.40 16.06
C LYS A 332 -8.87 -12.53 16.84
N ALA A 333 -9.97 -12.09 16.22
CA ALA A 333 -10.87 -11.01 16.72
C ALA A 333 -11.31 -11.28 18.16
N ILE A 334 -11.47 -10.20 18.94
CA ILE A 334 -12.13 -10.18 20.27
C ILE A 334 -13.46 -9.44 20.12
N LYS A 335 -14.43 -9.70 21.00
CA LYS A 335 -15.68 -8.90 21.13
C LYS A 335 -15.30 -7.42 21.23
N CYS A 336 -15.67 -6.58 20.26
CA CYS A 336 -15.36 -5.12 20.28
C CYS A 336 -16.27 -4.35 21.24
N VAL A 337 -17.38 -4.97 21.70
CA VAL A 337 -18.29 -4.46 22.77
C VAL A 337 -18.48 -5.56 23.83
N PRO A 338 -17.48 -5.76 24.72
CA PRO A 338 -17.51 -6.86 25.70
C PRO A 338 -18.65 -6.82 26.73
N GLN A 339 -19.33 -5.68 26.88
CA GLN A 339 -20.42 -5.49 27.87
C GLN A 339 -21.77 -5.89 27.28
N ALA A 340 -21.92 -5.84 25.95
CA ALA A 340 -23.21 -5.98 25.22
C ALA A 340 -23.92 -7.25 25.66
N ASP A 341 -25.26 -7.21 25.67
CA ASP A 341 -26.09 -8.36 26.13
C ASP A 341 -25.93 -9.57 25.20
N VAL A 342 -25.68 -9.35 23.91
CA VAL A 342 -25.98 -10.23 22.76
C VAL A 342 -25.19 -11.57 22.78
N GLU A 343 -25.70 -12.59 22.08
CA GLU A 343 -24.94 -13.83 21.74
C GLU A 343 -23.93 -13.45 20.66
N TRP A 344 -22.64 -13.45 20.99
CA TRP A 344 -21.52 -13.08 20.07
C TRP A 344 -20.92 -14.36 19.46
N LYS A 345 -21.08 -14.56 18.16
CA LYS A 345 -20.66 -15.79 17.42
C LYS A 345 -19.58 -15.39 16.42
N PHE A 346 -18.42 -16.03 16.50
CA PHE A 346 -17.28 -15.77 15.58
C PHE A 346 -17.21 -16.82 14.47
N TYR A 347 -16.73 -16.35 13.34
CA TYR A 347 -16.54 -17.06 12.06
C TYR A 347 -15.22 -16.55 11.52
N ASP A 348 -14.32 -17.47 11.16
CA ASP A 348 -12.90 -17.15 10.83
C ASP A 348 -12.77 -16.97 9.32
N ALA A 349 -12.14 -15.88 8.93
CA ALA A 349 -11.86 -15.55 7.53
C ALA A 349 -10.72 -14.54 7.49
N GLN A 350 -9.62 -15.00 6.91
CA GLN A 350 -8.41 -14.20 6.67
C GLN A 350 -8.80 -13.10 5.71
N PRO A 351 -8.09 -11.95 5.74
CA PRO A 351 -8.29 -10.88 4.78
C PRO A 351 -8.05 -11.42 3.37
N CYS A 352 -9.06 -11.36 2.50
CA CYS A 352 -8.97 -11.85 1.09
C CYS A 352 -8.06 -10.90 0.32
N SER A 353 -6.90 -11.39 -0.10
CA SER A 353 -5.92 -10.57 -0.83
C SER A 353 -6.22 -10.56 -2.34
N ASP A 354 -7.02 -11.50 -2.88
CA ASP A 354 -7.13 -11.59 -4.36
C ASP A 354 -8.48 -11.04 -4.81
N LYS A 355 -9.49 -11.91 -4.96
CA LYS A 355 -10.91 -11.56 -5.20
C LYS A 355 -11.62 -11.50 -3.83
N ALA A 356 -12.56 -10.57 -3.68
CA ALA A 356 -13.48 -10.50 -2.51
C ALA A 356 -14.17 -11.85 -2.33
N TYR A 357 -14.43 -12.24 -1.09
CA TYR A 357 -15.17 -13.50 -0.77
C TYR A 357 -16.57 -13.44 -1.35
N LYS A 358 -17.10 -14.59 -1.76
CA LYS A 358 -18.51 -14.74 -2.21
C LYS A 358 -19.35 -15.06 -0.98
N ILE A 359 -20.32 -14.19 -0.68
CA ILE A 359 -21.23 -14.37 0.49
C ILE A 359 -21.90 -15.76 0.42
N GLU A 360 -22.19 -16.23 -0.80
CA GLU A 360 -22.75 -17.58 -1.07
C GLU A 360 -21.88 -18.63 -0.38
N GLU A 361 -20.55 -18.54 -0.53
CA GLU A 361 -19.63 -19.60 -0.06
C GLU A 361 -19.35 -19.35 1.43
N LEU A 362 -19.39 -18.10 1.91
CA LEU A 362 -19.14 -17.79 3.36
C LEU A 362 -20.28 -18.33 4.24
N PHE A 363 -21.52 -18.33 3.76
CA PHE A 363 -22.74 -18.55 4.59
C PHE A 363 -23.34 -19.92 4.32
N TYR A 364 -23.88 -20.09 3.11
CA TYR A 364 -24.50 -21.36 2.68
C TYR A 364 -23.40 -22.43 2.59
N SER A 365 -23.78 -23.65 2.25
CA SER A 365 -23.08 -24.92 2.58
C SER A 365 -23.37 -25.26 4.06
N TYR A 366 -24.41 -24.65 4.64
CA TYR A 366 -25.01 -25.04 5.93
C TYR A 366 -24.08 -24.62 7.07
N HIS A 369 -22.30 -22.93 12.70
CA HIS A 369 -22.67 -21.49 12.63
C HIS A 369 -23.70 -21.16 13.72
N SER A 370 -24.45 -20.06 13.57
CA SER A 370 -25.85 -19.94 14.05
C SER A 370 -26.76 -20.45 12.93
N ASP A 371 -26.13 -20.89 11.82
CA ASP A 371 -26.75 -21.21 10.51
C ASP A 371 -27.54 -19.96 10.07
N LYS A 372 -28.57 -19.60 10.85
CA LYS A 372 -29.41 -18.37 10.71
C LYS A 372 -28.53 -17.12 10.89
N PHE A 373 -27.87 -16.71 9.78
CA PHE A 373 -27.16 -15.41 9.60
C PHE A 373 -28.16 -14.27 9.45
N THR A 374 -29.39 -14.52 8.99
CA THR A 374 -30.50 -13.55 8.87
C THR A 374 -31.05 -13.16 10.26
N ASP A 375 -30.87 -14.00 11.28
CA ASP A 375 -31.10 -13.62 12.71
C ASP A 375 -30.03 -12.56 13.09
N GLY A 376 -30.44 -11.52 13.79
CA GLY A 376 -29.53 -10.55 14.42
C GLY A 376 -28.74 -9.76 13.40
N VAL A 377 -27.48 -9.46 13.72
CA VAL A 377 -26.68 -8.56 12.84
C VAL A 377 -25.35 -9.24 12.48
N CYS A 378 -24.87 -8.99 11.27
CA CYS A 378 -23.57 -9.49 10.78
C CYS A 378 -22.59 -8.32 10.77
N LEU A 379 -21.47 -8.51 11.47
CA LEU A 379 -20.38 -7.54 11.57
C LEU A 379 -19.26 -8.01 10.64
N PHE A 380 -19.03 -7.28 9.56
CA PHE A 380 -17.90 -7.47 8.61
C PHE A 380 -16.89 -6.33 8.76
N TRP A 381 -15.86 -6.49 9.59
CA TRP A 381 -14.91 -5.39 9.86
C TRP A 381 -13.62 -5.63 9.06
N ASN A 382 -13.52 -5.04 7.87
CA ASN A 382 -12.51 -5.36 6.84
C ASN A 382 -12.54 -6.86 6.52
N CYS A 383 -13.73 -7.43 6.34
CA CYS A 383 -13.92 -8.76 5.71
C CYS A 383 -14.68 -8.55 4.39
N ASN A 384 -13.95 -8.41 3.29
CA ASN A 384 -14.42 -7.88 2.00
C ASN A 384 -15.13 -9.00 1.24
N VAL A 385 -16.44 -8.85 1.07
CA VAL A 385 -17.30 -9.82 0.35
C VAL A 385 -17.87 -9.08 -0.85
N ASP A 386 -18.48 -9.82 -1.74
CA ASP A 386 -18.99 -9.31 -3.03
C ASP A 386 -20.26 -8.47 -2.77
N ARG A 387 -21.09 -8.93 -1.86
CA ARG A 387 -22.42 -8.35 -1.58
C ARG A 387 -22.80 -8.68 -0.14
N TYR A 388 -22.82 -7.65 0.70
CA TYR A 388 -23.19 -7.82 2.13
C TYR A 388 -24.69 -8.07 2.20
N PRO A 389 -25.11 -8.93 3.13
CA PRO A 389 -26.52 -9.04 3.43
C PRO A 389 -27.03 -7.73 4.06
N ALA A 390 -28.35 -7.52 4.02
CA ALA A 390 -29.05 -6.30 4.47
C ALA A 390 -28.79 -6.08 5.97
N ASN A 391 -28.64 -7.12 6.81
CA ASN A 391 -28.49 -6.96 8.29
C ASN A 391 -27.00 -6.89 8.69
N SER A 392 -26.22 -6.01 8.04
CA SER A 392 -24.75 -5.91 8.28
C SER A 392 -24.35 -4.53 8.83
N ILE A 393 -23.30 -4.54 9.66
CA ILE A 393 -22.43 -3.40 10.04
C ILE A 393 -21.15 -3.67 9.27
N VAL A 394 -20.62 -2.74 8.47
CA VAL A 394 -19.47 -3.03 7.57
C VAL A 394 -18.42 -1.93 7.67
N CYS A 395 -17.15 -2.29 7.83
CA CYS A 395 -15.99 -1.42 7.53
C CYS A 395 -15.31 -1.97 6.26
N ARG A 396 -15.13 -1.15 5.24
CA ARG A 396 -14.50 -1.59 3.98
C ARG A 396 -13.49 -0.56 3.52
N PHE A 397 -12.28 -1.03 3.25
CA PHE A 397 -11.13 -0.22 2.78
C PHE A 397 -11.41 0.18 1.34
N ASP A 398 -11.38 1.49 1.06
CA ASP A 398 -11.47 2.03 -0.31
C ASP A 398 -10.06 2.07 -0.92
N THR A 399 -9.81 1.14 -1.84
CA THR A 399 -8.50 0.93 -2.49
C THR A 399 -8.17 2.16 -3.32
N ARG A 400 -9.12 3.04 -3.66
CA ARG A 400 -8.76 4.25 -4.47
C ARG A 400 -8.11 5.35 -3.64
N VAL A 401 -8.13 5.30 -2.30
CA VAL A 401 -7.57 6.42 -1.49
C VAL A 401 -6.11 6.65 -1.88
N LEU A 402 -5.69 7.91 -2.01
CA LEU A 402 -4.27 8.34 -2.09
C LEU A 402 -3.68 8.59 -0.70
N SER A 403 -2.65 7.84 -0.31
CA SER A 403 -1.90 8.00 0.95
C SER A 403 -0.55 7.29 0.88
N ASN A 404 0.33 7.61 1.82
CA ASN A 404 1.67 7.00 1.96
C ASN A 404 1.54 5.54 2.38
N LEU A 405 0.38 5.14 2.88
CA LEU A 405 0.19 3.78 3.43
C LEU A 405 -0.31 2.85 2.32
N ASN A 406 -0.96 3.42 1.31
CA ASN A 406 -1.65 2.65 0.24
C ASN A 406 -0.81 2.70 -1.05
N LEU A 407 -0.30 1.55 -1.49
CA LEU A 407 0.46 1.46 -2.76
C LEU A 407 -0.43 0.89 -3.84
N PRO A 408 -0.24 1.27 -5.11
CA PRO A 408 -1.01 0.72 -6.21
C PRO A 408 -0.83 -0.80 -6.25
N GLY A 409 -1.89 -1.52 -6.55
CA GLY A 409 -1.89 -2.99 -6.53
C GLY A 409 -2.23 -3.58 -7.88
N CYS A 410 -2.79 -4.79 -7.84
N CYS A 410 -2.72 -4.82 -7.84
CA CYS A 410 -3.05 -5.69 -9.00
CA CYS A 410 -3.08 -5.65 -9.02
C CYS A 410 -4.57 -5.74 -9.31
C CYS A 410 -4.58 -5.62 -9.29
N ASP A 411 -4.93 -5.48 -10.56
CA ASP A 411 -6.32 -5.69 -11.05
C ASP A 411 -7.28 -4.79 -10.24
N GLY A 412 -6.87 -3.54 -10.04
CA GLY A 412 -7.66 -2.49 -9.35
C GLY A 412 -7.48 -2.53 -7.83
N GLY A 413 -6.93 -3.61 -7.27
CA GLY A 413 -6.71 -3.72 -5.83
C GLY A 413 -5.57 -2.79 -5.42
N SER A 414 -5.38 -2.64 -4.13
CA SER A 414 -4.30 -1.77 -3.58
C SER A 414 -3.58 -2.60 -2.52
N LEU A 415 -2.33 -2.23 -2.25
CA LEU A 415 -1.51 -2.88 -1.20
C LEU A 415 -1.42 -1.90 -0.05
N TYR A 416 -2.20 -2.13 1.01
CA TYR A 416 -2.26 -1.25 2.21
C TYR A 416 -1.20 -1.70 3.21
N VAL A 417 -0.21 -0.86 3.46
CA VAL A 417 0.93 -1.28 4.31
C VAL A 417 0.87 -0.45 5.61
N ASN A 418 0.39 -1.06 6.69
CA ASN A 418 0.32 -0.49 8.05
C ASN A 418 0.69 -1.60 9.04
N LYS A 419 1.95 -1.58 9.52
CA LYS A 419 2.60 -2.65 10.33
C LYS A 419 2.75 -3.93 9.45
N HIS A 420 1.66 -4.40 8.83
CA HIS A 420 1.66 -5.53 7.86
C HIS A 420 1.23 -5.01 6.48
N ALA A 421 1.59 -5.76 5.43
CA ALA A 421 1.18 -5.50 4.04
C ALA A 421 -0.04 -6.38 3.72
N PHE A 422 -1.15 -5.76 3.32
CA PHE A 422 -2.44 -6.42 2.95
C PHE A 422 -2.85 -5.97 1.57
N HIS A 423 -2.68 -6.82 0.56
CA HIS A 423 -3.25 -6.56 -0.79
C HIS A 423 -4.77 -6.66 -0.63
N THR A 424 -5.51 -5.69 -1.16
CA THR A 424 -6.97 -5.53 -0.93
C THR A 424 -7.64 -5.46 -2.28
N PRO A 425 -8.69 -6.27 -2.51
CA PRO A 425 -9.39 -6.30 -3.79
C PRO A 425 -10.03 -4.94 -4.10
N ALA A 426 -10.16 -4.60 -5.38
CA ALA A 426 -10.71 -3.32 -5.88
C ALA A 426 -11.99 -2.99 -5.10
N PHE A 427 -12.11 -1.76 -4.62
CA PHE A 427 -13.37 -1.22 -4.03
C PHE A 427 -14.51 -1.26 -5.07
N ASP A 428 -15.65 -1.83 -4.70
CA ASP A 428 -16.83 -2.03 -5.58
C ASP A 428 -18.08 -1.52 -4.86
N LYS A 429 -18.69 -0.44 -5.39
CA LYS A 429 -19.90 0.23 -4.83
C LYS A 429 -21.08 -0.74 -4.76
N SER A 430 -21.17 -1.67 -5.71
CA SER A 430 -22.32 -2.59 -5.83
C SER A 430 -22.36 -3.56 -4.66
N ALA A 431 -21.27 -3.72 -3.89
CA ALA A 431 -21.28 -4.66 -2.74
C ALA A 431 -22.22 -4.14 -1.66
N PHE A 432 -22.48 -2.82 -1.64
CA PHE A 432 -23.15 -2.10 -0.54
C PHE A 432 -24.64 -1.86 -0.85
N VAL A 433 -25.19 -2.51 -1.87
CA VAL A 433 -26.54 -2.19 -2.42
C VAL A 433 -27.62 -2.46 -1.37
N ASN A 434 -27.42 -3.39 -0.44
CA ASN A 434 -28.43 -3.66 0.60
C ASN A 434 -28.23 -2.75 1.82
N LEU A 435 -27.22 -1.89 1.80
CA LEU A 435 -26.85 -1.03 2.93
C LEU A 435 -26.95 0.45 2.54
N LYS A 436 -26.73 1.31 3.52
CA LYS A 436 -26.48 2.75 3.31
C LYS A 436 -25.19 3.13 4.05
N GLN A 437 -24.63 4.27 3.67
CA GLN A 437 -23.47 4.85 4.37
C GLN A 437 -23.88 5.15 5.81
N LEU A 438 -23.07 4.77 6.78
CA LEU A 438 -23.31 5.07 8.20
C LEU A 438 -23.03 6.55 8.43
N PRO A 439 -23.95 7.34 9.01
CA PRO A 439 -23.65 8.75 9.28
C PRO A 439 -22.73 8.86 10.51
N PHE A 440 -21.91 9.92 10.59
CA PHE A 440 -21.16 10.29 11.82
C PHE A 440 -22.15 10.52 12.98
N PHE A 441 -21.81 9.98 14.15
CA PHE A 441 -22.45 10.28 15.44
C PHE A 441 -21.48 9.90 16.55
N TYR A 442 -21.71 10.47 17.72
CA TYR A 442 -20.98 10.17 18.97
C TYR A 442 -22.01 9.84 20.04
N TYR A 443 -21.93 8.66 20.66
CA TYR A 443 -22.86 8.17 21.69
C TYR A 443 -22.04 7.87 22.96
N SER A 444 -22.41 8.51 24.05
CA SER A 444 -21.91 8.17 25.40
C SER A 444 -23.08 8.13 26.37
N ASP A 445 -23.05 7.10 27.20
CA ASP A 445 -23.88 6.89 28.40
C ASP A 445 -22.97 7.10 29.61
N SER A 446 -21.71 7.51 29.42
CA SER A 446 -20.77 7.83 30.52
C SER A 446 -21.37 9.00 31.31
N PRO A 447 -21.10 9.09 32.63
CA PRO A 447 -21.59 10.21 33.42
C PRO A 447 -20.94 11.54 33.03
N CYS A 448 -21.69 12.63 33.17
CA CYS A 448 -21.21 14.01 32.92
C CYS A 448 -20.40 14.39 34.15
N GLU A 449 -19.08 14.27 34.05
CA GLU A 449 -18.13 14.39 35.18
C GLU A 449 -16.74 14.57 34.57
N SER A 450 -16.21 15.80 34.69
CA SER A 450 -15.05 16.35 33.95
C SER A 450 -13.75 15.60 34.29
N HIS A 451 -13.33 15.67 35.56
CA HIS A 451 -12.06 15.10 36.09
C HIS A 451 -10.85 15.94 35.64
N GLY A 452 -9.88 16.11 36.54
CA GLY A 452 -8.56 16.73 36.27
C GLY A 452 -8.71 18.09 35.62
N ILE A 459 -7.56 20.52 27.96
CA ILE A 459 -8.60 21.20 27.15
C ILE A 459 -8.61 22.70 27.51
N ASP A 460 -8.87 23.57 26.53
CA ASP A 460 -9.34 24.97 26.76
C ASP A 460 -10.49 25.27 25.79
N TYR A 461 -11.67 25.60 26.35
CA TYR A 461 -13.02 25.12 25.94
C TYR A 461 -13.78 26.19 25.13
N VAL A 462 -14.71 25.71 24.28
CA VAL A 462 -15.89 26.43 23.68
C VAL A 462 -17.08 25.51 23.83
N PRO A 463 -18.28 25.99 24.28
CA PRO A 463 -19.42 25.09 24.45
C PRO A 463 -19.73 24.45 23.09
N LEU A 464 -19.90 23.12 23.10
CA LEU A 464 -20.20 22.37 21.86
C LEU A 464 -21.69 22.45 21.64
N LYS A 465 -22.11 22.80 20.43
CA LYS A 465 -23.49 22.55 19.96
C LYS A 465 -23.39 21.61 18.76
N SER A 466 -24.03 20.45 18.86
CA SER A 466 -24.05 19.44 17.78
C SER A 466 -25.30 18.60 17.96
N ALA A 467 -26.02 18.36 16.87
CA ALA A 467 -27.13 17.39 16.80
C ALA A 467 -26.62 15.94 16.89
N THR A 468 -25.31 15.68 16.67
CA THR A 468 -24.74 14.31 16.59
C THR A 468 -23.98 13.91 17.87
N CYS A 469 -23.94 14.79 18.87
CA CYS A 469 -23.46 14.47 20.23
C CYS A 469 -24.61 13.88 21.01
N ILE A 470 -24.73 12.56 21.01
CA ILE A 470 -25.90 11.86 21.62
C ILE A 470 -25.52 11.44 23.04
N THR A 471 -25.88 12.30 23.98
CA THR A 471 -25.55 12.18 25.43
C THR A 471 -26.75 12.70 26.22
N ARG A 472 -26.82 12.35 27.52
CA ARG A 472 -27.78 12.86 28.52
C ARG A 472 -27.75 14.39 28.53
N CYS A 473 -26.54 14.98 28.54
CA CYS A 473 -26.37 16.45 28.67
C CYS A 473 -27.02 17.11 27.47
N ASN A 474 -26.88 16.52 26.30
CA ASN A 474 -27.43 17.14 25.07
C ASN A 474 -28.96 17.00 25.06
N LEU A 475 -29.46 15.82 25.45
CA LEU A 475 -30.90 15.54 25.66
C LEU A 475 -31.47 16.65 26.53
N GLY A 476 -30.78 16.90 27.65
CA GLY A 476 -31.12 17.88 28.69
C GLY A 476 -30.92 19.34 28.28
N GLY A 477 -30.41 19.64 27.07
CA GLY A 477 -30.34 21.02 26.55
C GLY A 477 -28.92 21.58 26.34
N ALA A 478 -27.93 21.18 27.13
CA ALA A 478 -26.56 21.79 27.21
C ALA A 478 -25.48 20.71 27.40
N VAL A 479 -24.61 20.48 26.39
CA VAL A 479 -23.55 19.44 26.44
C VAL A 479 -22.53 19.78 27.54
N CYS A 480 -22.27 18.87 28.49
CA CYS A 480 -21.27 19.07 29.57
C CYS A 480 -19.84 19.09 29.00
N ARG A 481 -18.85 19.53 29.78
CA ARG A 481 -17.46 19.78 29.27
C ARG A 481 -16.84 18.42 28.92
N HIS A 482 -16.99 17.41 29.79
CA HIS A 482 -16.48 16.05 29.55
C HIS A 482 -16.91 15.54 28.16
N HIS A 483 -18.21 15.56 27.87
CA HIS A 483 -18.78 14.98 26.64
C HIS A 483 -18.33 15.82 25.44
N ALA A 484 -18.06 17.10 25.61
CA ALA A 484 -17.55 17.95 24.51
C ALA A 484 -16.10 17.59 24.14
N ASN A 485 -15.26 17.31 25.14
CA ASN A 485 -13.84 16.87 25.01
C ASN A 485 -13.82 15.53 24.28
N GLU A 486 -14.66 14.60 24.73
CA GLU A 486 -14.80 13.23 24.17
C GLU A 486 -15.40 13.29 22.77
N TYR A 487 -16.40 14.14 22.56
CA TYR A 487 -17.04 14.28 21.23
C TYR A 487 -15.95 14.72 20.25
N ARG A 488 -15.11 15.69 20.66
CA ARG A 488 -14.13 16.30 19.72
C ARG A 488 -12.98 15.32 19.46
N LEU A 489 -12.54 14.59 20.48
CA LEU A 489 -11.56 13.51 20.30
C LEU A 489 -12.15 12.44 19.38
N TYR A 490 -13.44 12.10 19.51
CA TYR A 490 -14.00 10.99 18.72
C TYR A 490 -14.13 11.45 17.27
N LEU A 491 -14.56 12.67 17.05
CA LEU A 491 -14.70 13.20 15.68
C LEU A 491 -13.33 13.26 14.98
N ASP A 492 -12.25 13.59 15.69
CA ASP A 492 -10.87 13.66 15.13
C ASP A 492 -10.42 12.25 14.70
N ALA A 493 -10.60 11.27 15.58
CA ALA A 493 -10.32 9.84 15.32
C ALA A 493 -11.13 9.38 14.09
N TYR A 494 -12.42 9.73 14.02
CA TYR A 494 -13.30 9.27 12.94
C TYR A 494 -12.83 9.86 11.61
N ASN A 495 -12.43 11.13 11.59
CA ASN A 495 -11.85 11.83 10.40
C ASN A 495 -10.53 11.19 9.98
N MET A 496 -9.72 10.76 10.94
CA MET A 496 -8.39 10.14 10.72
C MET A 496 -8.63 8.90 9.87
N MET A 497 -9.55 8.08 10.38
CA MET A 497 -9.86 6.75 9.85
C MET A 497 -10.44 6.86 8.44
N ILE A 498 -11.19 7.92 8.21
CA ILE A 498 -11.99 8.05 6.96
C ILE A 498 -11.00 8.43 5.88
N SER A 499 -10.22 9.45 6.14
CA SER A 499 -9.17 9.94 5.22
C SER A 499 -8.07 8.88 5.03
N ALA A 500 -7.90 7.91 5.93
CA ALA A 500 -7.00 6.75 5.68
C ALA A 500 -7.61 5.79 4.63
N GLY A 501 -8.89 5.96 4.23
CA GLY A 501 -9.53 5.24 3.11
C GLY A 501 -10.64 4.28 3.52
N PHE A 502 -10.87 4.13 4.82
CA PHE A 502 -11.94 3.26 5.35
C PHE A 502 -13.29 3.90 5.15
N SER A 503 -14.29 3.11 4.79
CA SER A 503 -15.70 3.55 4.58
C SER A 503 -16.60 2.67 5.44
N LEU A 504 -17.70 3.23 5.94
CA LEU A 504 -18.61 2.58 6.93
C LEU A 504 -20.02 2.53 6.34
N TRP A 505 -20.66 1.38 6.48
CA TRP A 505 -21.97 1.05 5.86
C TRP A 505 -22.80 0.31 6.90
N VAL A 506 -24.12 0.49 6.87
CA VAL A 506 -25.00 -0.13 7.91
C VAL A 506 -26.36 -0.49 7.27
N TYR A 507 -27.04 -1.46 7.87
CA TYR A 507 -28.44 -1.78 7.58
C TYR A 507 -29.25 -0.47 7.54
N LYS A 508 -30.24 -0.43 6.66
CA LYS A 508 -31.04 0.79 6.34
C LYS A 508 -31.88 1.24 7.55
N GLN A 509 -32.35 0.32 8.38
CA GLN A 509 -33.20 0.63 9.56
C GLN A 509 -32.37 1.41 10.59
N PHE A 510 -31.06 1.51 10.43
CA PHE A 510 -30.22 2.12 11.48
C PHE A 510 -30.59 3.61 11.62
N ASP A 511 -31.00 4.02 12.82
CA ASP A 511 -31.48 5.39 13.10
C ASP A 511 -30.95 5.84 14.45
N THR A 512 -30.12 6.88 14.50
CA THR A 512 -29.53 7.34 15.78
C THR A 512 -30.59 7.95 16.68
N TYR A 513 -31.83 8.15 16.17
CA TYR A 513 -32.96 8.70 16.98
C TYR A 513 -33.30 7.69 18.07
N ASN A 514 -33.01 6.41 17.80
CA ASN A 514 -33.38 5.30 18.70
C ASN A 514 -32.44 5.31 19.91
N LEU A 515 -31.36 6.06 19.88
CA LEU A 515 -30.38 5.99 21.01
C LEU A 515 -30.83 6.88 22.20
N TRP A 516 -31.62 7.93 21.95
CA TRP A 516 -31.99 8.95 22.98
C TRP A 516 -32.72 8.31 24.18
N ASN A 517 -33.59 7.33 23.95
CA ASN A 517 -34.37 6.64 25.02
C ASN A 517 -33.52 5.57 25.72
N THR A 518 -32.20 5.47 25.49
CA THR A 518 -31.30 4.61 26.31
C THR A 518 -30.82 5.41 27.51
N PHE A 519 -31.19 6.70 27.61
CA PHE A 519 -31.27 7.50 28.86
C PHE A 519 -32.71 8.03 29.02
N THR A 520 -33.31 7.91 30.21
CA THR A 520 -34.66 8.46 30.53
C THR A 520 -34.77 8.71 32.04
#